data_7O2H
#
_entry.id   7O2H
#
_cell.length_a   64.060
_cell.length_b   64.060
_cell.length_c   225.100
_cell.angle_alpha   90.000
_cell.angle_beta   90.000
_cell.angle_gamma   120.000
#
_symmetry.space_group_name_H-M   'P 32 2 1'
#
loop_
_entity.id
_entity.type
_entity.pdbx_description
1 polymer 'N6-adenosine-methyltransferase catalytic subunit'
2 polymer 'N6-adenosine-methyltransferase non-catalytic subunit'
3 non-polymer 4-[4-[(4,4-dimethylpiperidin-1-yl)methyl]phenyl]-1-methyl-9-[6-(methylamino)pyrimidin-4-yl]-1,4,9-triazaspiro[5.5]undecan-2-one
4 non-polymer 'ACETATE ION'
5 water water
#
loop_
_entity_poly.entity_id
_entity_poly.type
_entity_poly.pdbx_seq_one_letter_code
_entity_poly.pdbx_strand_id
1 'polypeptide(L)'
;MGHHHHHHSSGRENLYFQGALTQSVGGDSSADRLFPPQWICCDIRYLDVSILGKFAVVMADPPWDIHMELPYGTLTDDEM
RRLNIPVLQDDGFLFLWVTGRAMELGRECLNLWGYERVDEIIWVKTNQLQRIIRTGRTGHWLNHGKEHCLVGVKGNPQGF
NQGLDCDVIVAEVRSTSHKPDEIYGMIERLSPGTRKIELFGRPHNVQPNWITLGNQLDGIHLLDPDVVARFKQRYPDGII
SKPKNL
;
A
2 'polypeptide(L)'
;MLKGTQSLNPHNDYCQHFVDTGHRPQNFIRDVGLADRFEEYPKLRELIRLKDELIAKSNTPPMYLQADIEAFDIRELTPK
FDVILLEPPLEEYYRETGITANEKCWTWDDIMKLEIDEIAAPRSFIFLWCGSGEGLDLGRVCLRKWGYRRCEDICWIKTN
KNNPGKTKTLDPKAVFQRTKEHCLMGIKGTVKRSTDGDFIHANVDIDLIITEEPEIGNIEKPVEIFHIIEHFCLGRRRLH
LFGRDSTIRPGWLTVGPTLTNSNYNAETYASYFSAPNSYLTGCTEEIERL
;
B
#
# COMPACT_ATOMS: atom_id res chain seq x y z
N LEU A 34 -8.52 31.10 -14.11
CA LEU A 34 -8.07 31.05 -15.49
C LEU A 34 -7.67 29.63 -15.90
N PHE A 35 -8.59 28.95 -16.57
CA PHE A 35 -8.56 27.55 -16.96
C PHE A 35 -7.25 27.06 -17.60
N PRO A 36 -6.50 27.84 -18.36
CA PRO A 36 -5.30 27.28 -19.06
C PRO A 36 -4.13 27.04 -18.11
N PRO A 37 -3.15 26.24 -18.53
CA PRO A 37 -2.02 25.92 -17.66
C PRO A 37 -1.30 27.16 -17.14
N GLN A 38 -0.86 27.08 -15.89
CA GLN A 38 0.01 28.06 -15.28
C GLN A 38 1.08 27.31 -14.52
N TRP A 39 2.23 27.94 -14.37
CA TRP A 39 3.31 27.29 -13.64
C TRP A 39 4.29 28.35 -13.13
N ILE A 40 5.21 27.87 -12.28
CA ILE A 40 6.10 28.69 -11.49
C ILE A 40 7.36 27.86 -11.26
N CYS A 41 8.44 28.16 -11.99
CA CYS A 41 9.73 27.59 -11.65
C CYS A 41 10.18 28.18 -10.32
N CYS A 42 10.65 27.33 -9.42
CA CYS A 42 11.07 27.80 -8.10
C CYS A 42 11.57 26.61 -7.30
N ASP A 43 12.18 26.91 -6.16
CA ASP A 43 12.39 25.93 -5.12
C ASP A 43 11.18 26.01 -4.20
N ILE A 44 10.45 24.89 -4.10
CA ILE A 44 9.21 24.93 -3.34
C ILE A 44 9.49 25.13 -1.85
N ARG A 45 10.72 24.88 -1.40
CA ARG A 45 11.07 25.14 0.00
C ARG A 45 10.94 26.62 0.35
N TYR A 46 11.25 27.51 -0.59
CA TYR A 46 11.37 28.94 -0.31
C TYR A 46 10.28 29.81 -0.92
N LEU A 47 9.37 29.24 -1.71
CA LEU A 47 8.33 30.07 -2.30
C LEU A 47 7.21 30.30 -1.29
N ASP A 48 6.71 31.53 -1.25
CA ASP A 48 5.62 31.92 -0.35
C ASP A 48 4.30 31.48 -0.98
N VAL A 49 3.89 30.25 -0.67
CA VAL A 49 2.76 29.63 -1.36
C VAL A 49 1.44 30.22 -0.90
N SER A 50 1.48 31.18 0.02
CA SER A 50 0.25 31.83 0.45
C SER A 50 -0.32 32.71 -0.66
N ILE A 51 0.54 33.18 -1.57
CA ILE A 51 0.06 34.04 -2.64
C ILE A 51 -0.87 33.29 -3.57
N LEU A 52 -0.84 31.96 -3.56
CA LEU A 52 -1.51 31.15 -4.59
C LEU A 52 -2.99 30.90 -4.32
N GLY A 53 -3.50 31.15 -3.11
CA GLY A 53 -4.90 30.88 -2.82
C GLY A 53 -5.19 29.43 -2.40
N LYS A 54 -6.47 29.16 -2.18
CA LYS A 54 -6.91 27.84 -1.76
C LYS A 54 -7.20 26.97 -2.96
N PHE A 55 -6.99 25.67 -2.81
CA PHE A 55 -7.21 24.73 -3.89
C PHE A 55 -8.12 23.62 -3.43
N ALA A 56 -8.87 23.06 -4.38
CA ALA A 56 -9.71 21.92 -4.04
C ALA A 56 -8.95 20.61 -4.11
N VAL A 57 -7.81 20.60 -4.79
CA VAL A 57 -6.96 19.41 -4.89
C VAL A 57 -5.51 19.87 -4.82
N VAL A 58 -4.72 19.18 -4.03
CA VAL A 58 -3.27 19.31 -4.08
C VAL A 58 -2.70 17.97 -4.48
N MET A 59 -1.67 17.99 -5.31
CA MET A 59 -0.92 16.81 -5.70
C MET A 59 0.55 17.07 -5.58
N ALA A 60 1.28 16.10 -5.03
CA ALA A 60 2.70 16.26 -4.81
C ALA A 60 3.40 14.95 -5.12
N ASP A 61 4.54 15.04 -5.79
CA ASP A 61 5.40 13.90 -6.06
C ASP A 61 6.77 14.26 -5.51
N PRO A 62 6.92 14.25 -4.18
CA PRO A 62 8.14 14.76 -3.58
C PRO A 62 9.33 13.88 -3.93
N PRO A 63 10.53 14.45 -3.96
CA PRO A 63 11.80 13.70 -4.07
C PRO A 63 12.26 13.31 -2.67
N TRP A 64 11.56 12.32 -2.11
CA TRP A 64 11.87 11.81 -0.78
C TRP A 64 13.29 11.32 -0.72
N ASP A 65 13.87 11.36 0.47
CA ASP A 65 15.18 10.78 0.73
C ASP A 65 15.02 9.29 1.01
N ILE A 66 14.69 8.54 -0.04
CA ILE A 66 14.49 7.10 0.13
C ILE A 66 15.85 6.45 0.02
N HIS A 67 16.07 5.44 0.88
CA HIS A 67 17.32 4.68 0.94
C HIS A 67 18.52 5.61 0.89
N MET A 68 19.13 5.69 -0.30
CA MET A 68 20.17 6.68 -0.53
C MET A 68 20.22 7.02 -2.02
N GLU A 69 21.08 6.34 -2.78
CA GLU A 69 21.25 6.58 -4.22
C GLU A 69 21.51 8.05 -4.54
N LEU A 70 20.44 8.77 -4.89
CA LEU A 70 20.34 10.20 -5.15
C LEU A 70 20.76 10.58 -6.58
N PRO A 71 19.95 10.23 -7.59
CA PRO A 71 20.17 10.74 -8.95
C PRO A 71 19.47 12.07 -9.23
N TYR A 72 18.86 12.64 -8.19
CA TYR A 72 18.22 13.96 -8.20
C TYR A 72 18.36 14.50 -6.79
N GLY A 73 18.06 15.79 -6.65
CA GLY A 73 18.10 16.42 -5.34
C GLY A 73 16.95 16.08 -4.41
N THR A 74 17.26 15.40 -3.30
CA THR A 74 16.24 15.01 -2.34
C THR A 74 16.04 16.11 -1.31
N LEU A 75 14.90 16.04 -0.63
CA LEU A 75 14.56 16.91 0.48
C LEU A 75 14.64 16.06 1.72
N THR A 76 15.24 16.62 2.76
CA THR A 76 15.30 15.88 3.99
C THR A 76 13.90 15.71 4.56
N ASP A 77 13.79 14.84 5.57
CA ASP A 77 12.50 14.59 6.20
C ASP A 77 11.95 15.85 6.86
N ASP A 78 12.80 16.63 7.54
CA ASP A 78 12.27 17.84 8.18
C ASP A 78 11.81 18.84 7.14
N GLU A 79 12.58 19.04 6.07
CA GLU A 79 12.11 19.86 4.97
C GLU A 79 10.74 19.41 4.48
N MET A 80 10.52 18.09 4.42
CA MET A 80 9.22 17.57 4.00
C MET A 80 8.12 17.93 5.01
N ARG A 81 8.38 17.78 6.31
CA ARG A 81 7.34 18.13 7.28
C ARG A 81 7.14 19.64 7.35
N ARG A 82 8.20 20.42 7.10
CA ARG A 82 8.08 21.87 7.21
C ARG A 82 7.37 22.49 6.03
N LEU A 83 7.24 21.77 4.91
CA LEU A 83 6.54 22.30 3.74
C LEU A 83 5.21 22.90 4.17
N ASN A 84 4.91 24.08 3.63
CA ASN A 84 3.70 24.78 4.07
C ASN A 84 2.49 24.30 3.24
N ILE A 85 2.25 22.99 3.30
CA ILE A 85 1.02 22.42 2.76
C ILE A 85 -0.22 23.04 3.40
N PRO A 86 -0.27 23.28 4.72
CA PRO A 86 -1.58 23.59 5.35
C PRO A 86 -2.25 24.85 4.84
N VAL A 87 -1.52 25.76 4.22
CA VAL A 87 -2.14 27.00 3.76
C VAL A 87 -2.82 26.83 2.41
N LEU A 88 -2.55 25.74 1.71
CA LEU A 88 -3.07 25.55 0.37
C LEU A 88 -4.53 25.14 0.33
N GLN A 89 -5.08 24.55 1.39
CA GLN A 89 -6.44 24.06 1.34
C GLN A 89 -7.17 24.36 2.63
N ASP A 90 -8.46 24.56 2.50
CA ASP A 90 -9.39 24.53 3.62
C ASP A 90 -10.30 23.32 3.55
N ASP A 91 -10.76 22.95 2.37
CA ASP A 91 -11.55 21.73 2.23
C ASP A 91 -11.13 21.09 0.92
N GLY A 92 -10.68 19.85 0.97
CA GLY A 92 -10.38 19.15 -0.26
C GLY A 92 -9.43 17.97 -0.04
N PHE A 93 -8.81 17.59 -1.14
CA PHE A 93 -8.12 16.32 -1.25
C PHE A 93 -6.67 16.58 -1.61
N LEU A 94 -5.79 15.80 -0.97
CA LEU A 94 -4.36 15.76 -1.24
C LEU A 94 -3.98 14.42 -1.85
N PHE A 95 -3.13 14.46 -2.90
CA PHE A 95 -2.68 13.26 -3.58
C PHE A 95 -1.16 13.18 -3.47
N LEU A 96 -0.66 12.17 -2.75
CA LEU A 96 0.73 12.13 -2.30
C LEU A 96 1.43 10.85 -2.77
N TRP A 97 2.29 10.97 -3.78
CA TRP A 97 3.05 9.82 -4.24
C TRP A 97 4.08 9.42 -3.21
N VAL A 98 4.19 8.11 -2.97
CA VAL A 98 5.06 7.56 -1.93
C VAL A 98 5.74 6.33 -2.46
N THR A 99 6.93 6.05 -1.93
CA THR A 99 7.73 4.90 -2.32
C THR A 99 8.65 4.56 -1.17
N GLY A 100 8.98 3.28 -1.05
CA GLY A 100 9.96 2.92 -0.05
C GLY A 100 9.49 3.29 1.34
N ARG A 101 10.39 3.90 2.11
CA ARG A 101 10.04 4.30 3.47
C ARG A 101 9.16 5.53 3.51
N ALA A 102 8.94 6.19 2.38
CA ALA A 102 8.03 7.30 2.36
C ALA A 102 6.58 6.86 2.53
N MET A 103 6.29 5.57 2.39
CA MET A 103 4.95 5.09 2.70
C MET A 103 4.61 5.39 4.15
N GLU A 104 5.61 5.30 5.04
CA GLU A 104 5.39 5.63 6.44
C GLU A 104 5.53 7.12 6.66
N LEU A 105 6.61 7.71 6.15
CA LEU A 105 6.84 9.14 6.32
C LEU A 105 5.72 9.97 5.71
N GLY A 106 5.35 9.67 4.47
CA GLY A 106 4.27 10.39 3.83
C GLY A 106 2.97 10.28 4.59
N ARG A 107 2.74 9.15 5.26
CA ARG A 107 1.62 9.08 6.19
C ARG A 107 1.79 10.09 7.31
N GLU A 108 3.02 10.22 7.81
CA GLU A 108 3.28 11.19 8.88
C GLU A 108 3.00 12.61 8.40
N CYS A 109 3.67 13.03 7.32
CA CYS A 109 3.43 14.36 6.77
C CYS A 109 1.95 14.58 6.50
N LEU A 110 1.31 13.60 5.89
CA LEU A 110 -0.11 13.73 5.61
C LEU A 110 -0.87 14.07 6.87
N ASN A 111 -0.65 13.31 7.94
CA ASN A 111 -1.27 13.63 9.22
C ASN A 111 -0.74 14.96 9.80
N LEU A 112 0.56 15.22 9.70
CA LEU A 112 1.04 16.47 10.28
C LEU A 112 0.41 17.67 9.57
N TRP A 113 0.28 17.60 8.24
CA TRP A 113 -0.32 18.72 7.53
C TRP A 113 -1.82 18.86 7.77
N GLY A 114 -2.44 17.92 8.47
CA GLY A 114 -3.85 18.02 8.83
C GLY A 114 -4.82 17.25 7.97
N TYR A 115 -4.37 16.24 7.27
CA TYR A 115 -5.25 15.40 6.47
C TYR A 115 -5.49 14.07 7.16
N GLU A 116 -6.57 13.40 6.74
CA GLU A 116 -6.81 12.00 7.02
C GLU A 116 -6.68 11.21 5.72
N ARG A 117 -5.80 10.20 5.71
CA ARG A 117 -5.68 9.29 4.57
C ARG A 117 -6.94 8.47 4.46
N VAL A 118 -7.70 8.64 3.36
CA VAL A 118 -8.96 7.93 3.16
C VAL A 118 -8.91 6.99 1.97
N ASP A 119 -7.83 6.97 1.23
CA ASP A 119 -7.72 6.05 0.10
C ASP A 119 -6.26 5.94 -0.27
N GLU A 120 -5.98 4.94 -1.10
CA GLU A 120 -4.63 4.71 -1.56
C GLU A 120 -4.75 4.19 -2.99
N ILE A 121 -4.38 5.03 -3.93
CA ILE A 121 -4.31 4.62 -5.32
C ILE A 121 -2.98 3.93 -5.57
N ILE A 122 -3.00 2.85 -6.35
CA ILE A 122 -1.80 2.17 -6.83
C ILE A 122 -1.84 2.16 -8.35
N TRP A 123 -0.68 2.35 -8.97
CA TRP A 123 -0.55 2.30 -10.42
C TRP A 123 0.21 1.03 -10.81
N VAL A 124 -0.50 0.05 -11.35
CA VAL A 124 0.15 -1.12 -11.95
C VAL A 124 0.82 -0.68 -13.23
N LYS A 125 2.15 -0.70 -13.26
CA LYS A 125 2.92 -0.30 -14.43
C LYS A 125 3.05 -1.47 -15.42
N THR A 126 2.58 -1.27 -16.65
CA THR A 126 2.59 -2.31 -17.69
C THR A 126 3.48 -1.88 -18.87
N ASN A 127 3.35 -2.63 -19.98
CA ASN A 127 3.95 -2.26 -21.25
C ASN A 127 2.87 -2.06 -22.32
N GLN A 128 3.22 -2.29 -23.59
CA GLN A 128 2.25 -2.14 -24.67
C GLN A 128 1.38 -3.37 -24.85
N LEU A 129 1.88 -4.55 -24.45
CA LEU A 129 1.10 -5.78 -24.47
C LEU A 129 0.29 -5.98 -23.20
N GLN A 130 0.24 -4.96 -22.32
CA GLN A 130 -0.54 -5.00 -21.08
C GLN A 130 -0.10 -6.12 -20.14
N ARG A 131 1.20 -6.43 -20.14
CA ARG A 131 1.81 -7.29 -19.13
C ARG A 131 2.59 -6.42 -18.14
N ILE A 132 2.81 -6.96 -16.94
CA ILE A 132 3.43 -6.20 -15.85
C ILE A 132 4.94 -6.15 -16.03
N ILE A 133 5.52 -4.96 -15.80
CA ILE A 133 6.95 -4.72 -15.98
C ILE A 133 7.78 -5.39 -14.87
N GLY A 139 12.90 -2.03 -1.65
CA GLY A 139 12.19 -3.28 -1.82
C GLY A 139 13.06 -4.40 -2.37
N HIS A 140 13.88 -4.97 -1.49
CA HIS A 140 14.87 -5.98 -1.87
C HIS A 140 14.29 -7.39 -1.94
N TRP A 141 13.05 -7.60 -1.51
CA TRP A 141 12.48 -8.94 -1.39
C TRP A 141 11.56 -9.31 -2.56
N LEU A 142 10.76 -8.36 -3.06
CA LEU A 142 9.86 -8.58 -4.17
C LEU A 142 10.14 -7.58 -5.28
N ASN A 143 9.92 -8.02 -6.51
CA ASN A 143 9.93 -7.11 -7.66
C ASN A 143 8.71 -6.20 -7.59
N HIS A 144 8.93 -4.92 -7.87
CA HIS A 144 7.87 -3.93 -7.70
C HIS A 144 7.11 -3.74 -9.01
N GLY A 145 5.83 -4.11 -9.00
CA GLY A 145 4.94 -3.91 -10.12
C GLY A 145 4.06 -2.69 -10.00
N LYS A 146 4.28 -1.82 -9.02
CA LYS A 146 3.33 -0.74 -8.75
C LYS A 146 4.00 0.45 -8.08
N GLU A 147 3.29 1.57 -8.12
CA GLU A 147 3.63 2.78 -7.40
C GLU A 147 2.41 3.20 -6.60
N HIS A 148 2.64 3.77 -5.42
CA HIS A 148 1.56 4.13 -4.51
C HIS A 148 1.36 5.65 -4.43
N CYS A 149 0.10 6.05 -4.31
CA CYS A 149 -0.29 7.43 -4.12
C CYS A 149 -1.33 7.48 -3.00
N LEU A 150 -0.97 8.09 -1.88
CA LEU A 150 -1.94 8.24 -0.80
C LEU A 150 -2.93 9.34 -1.17
N VAL A 151 -4.18 9.13 -0.78
CA VAL A 151 -5.24 10.13 -0.92
C VAL A 151 -5.61 10.64 0.46
N GLY A 152 -5.51 11.95 0.66
CA GLY A 152 -5.88 12.58 1.91
C GLY A 152 -7.05 13.52 1.72
N VAL A 153 -7.87 13.62 2.76
CA VAL A 153 -8.96 14.59 2.81
C VAL A 153 -8.69 15.55 3.96
N LYS A 154 -9.14 16.80 3.79
CA LYS A 154 -9.02 17.81 4.82
C LYS A 154 -10.29 18.64 4.84
N GLY A 155 -10.75 19.01 6.04
CA GLY A 155 -11.93 19.84 6.10
C GLY A 155 -13.20 19.08 5.77
N ASN A 156 -14.21 19.82 5.32
CA ASN A 156 -15.48 19.26 4.84
C ASN A 156 -15.62 19.57 3.36
N PRO A 157 -14.96 18.82 2.50
CA PRO A 157 -15.13 19.03 1.07
C PRO A 157 -16.54 18.61 0.64
N GLN A 158 -17.12 19.40 -0.26
CA GLN A 158 -18.47 19.14 -0.74
C GLN A 158 -18.51 19.39 -2.25
N GLY A 159 -19.50 18.77 -2.90
CA GLY A 159 -19.67 18.94 -4.34
C GLY A 159 -18.68 18.19 -5.19
N PHE A 160 -18.05 17.17 -4.63
CA PHE A 160 -17.15 16.27 -5.33
C PHE A 160 -17.89 14.99 -5.68
N ASN A 161 -17.41 14.30 -6.70
CA ASN A 161 -18.04 13.10 -7.21
C ASN A 161 -17.26 11.87 -6.76
N GLN A 162 -17.38 11.59 -5.47
CA GLN A 162 -16.69 10.44 -4.90
C GLN A 162 -17.34 9.15 -5.41
N GLY A 163 -16.52 8.20 -5.85
CA GLY A 163 -17.01 6.92 -6.31
C GLY A 163 -16.98 6.68 -7.81
N LEU A 164 -16.57 7.66 -8.62
CA LEU A 164 -16.57 7.48 -10.07
C LEU A 164 -15.45 6.57 -10.55
N ASP A 165 -14.27 6.72 -10.01
CA ASP A 165 -13.15 5.89 -10.43
C ASP A 165 -12.84 4.88 -9.34
N CYS A 166 -11.98 3.96 -9.68
CA CYS A 166 -11.57 2.94 -8.75
C CYS A 166 -10.11 3.17 -8.40
N ASP A 167 -9.67 2.52 -7.32
CA ASP A 167 -8.37 2.87 -6.76
C ASP A 167 -7.21 2.15 -7.46
N VAL A 168 -7.40 1.63 -8.66
CA VAL A 168 -6.32 0.96 -9.40
C VAL A 168 -6.16 1.62 -10.76
N ILE A 169 -4.92 2.00 -11.08
CA ILE A 169 -4.56 2.56 -12.36
C ILE A 169 -3.71 1.54 -13.11
N VAL A 170 -4.11 1.22 -14.34
CA VAL A 170 -3.32 0.34 -15.20
C VAL A 170 -2.94 1.15 -16.43
N ALA A 171 -1.64 1.32 -16.65
CA ALA A 171 -1.14 2.24 -17.66
C ALA A 171 0.32 1.95 -17.95
N GLU A 172 0.76 2.34 -19.15
CA GLU A 172 2.12 2.08 -19.60
C GLU A 172 3.10 3.10 -19.03
N VAL A 173 4.36 2.68 -18.90
CA VAL A 173 5.42 3.50 -18.34
C VAL A 173 6.04 4.38 -19.42
N ARG A 174 6.11 5.69 -19.16
CA ARG A 174 6.82 6.62 -20.03
C ARG A 174 8.26 6.80 -19.54
N SER A 175 8.65 8.03 -19.24
CA SER A 175 10.04 8.28 -18.84
C SER A 175 10.26 7.82 -17.40
N THR A 176 11.50 7.90 -16.96
CA THR A 176 11.78 7.61 -15.55
C THR A 176 11.21 8.73 -14.69
N SER A 177 10.70 8.35 -13.52
CA SER A 177 10.10 9.30 -12.58
C SER A 177 8.91 10.03 -13.19
N HIS A 178 8.18 9.35 -14.07
CA HIS A 178 7.09 9.94 -14.82
C HIS A 178 5.76 9.41 -14.28
N LYS A 179 4.81 10.32 -14.02
CA LYS A 179 3.56 9.78 -13.49
C LYS A 179 2.50 9.68 -14.59
N PRO A 180 1.52 8.79 -14.47
CA PRO A 180 0.59 8.56 -15.59
C PRO A 180 -0.46 9.64 -15.69
N ASP A 181 -0.81 10.00 -16.92
CA ASP A 181 -1.81 11.04 -17.11
C ASP A 181 -3.22 10.58 -16.70
N GLU A 182 -3.42 9.28 -16.48
CA GLU A 182 -4.73 8.85 -16.03
C GLU A 182 -5.09 9.51 -14.70
N ILE A 183 -4.09 9.85 -13.86
CA ILE A 183 -4.38 10.46 -12.56
C ILE A 183 -5.11 11.79 -12.73
N TYR A 184 -4.69 12.59 -13.71
CA TYR A 184 -5.34 13.88 -13.92
C TYR A 184 -6.81 13.70 -14.32
N GLY A 185 -7.10 12.74 -15.21
CA GLY A 185 -8.49 12.44 -15.53
C GLY A 185 -9.28 12.07 -14.29
N MET A 186 -8.73 11.18 -13.45
CA MET A 186 -9.41 10.80 -12.22
C MET A 186 -9.68 12.00 -11.33
N ILE A 187 -8.68 12.88 -11.20
CA ILE A 187 -8.85 14.05 -10.33
C ILE A 187 -9.88 15.01 -10.92
N GLU A 188 -9.89 15.17 -12.25
CA GLU A 188 -10.88 16.03 -12.89
C GLU A 188 -12.29 15.49 -12.69
N ARG A 189 -12.49 14.19 -12.96
CA ARG A 189 -13.81 13.59 -12.74
C ARG A 189 -14.23 13.74 -11.28
N LEU A 190 -13.27 13.70 -10.37
CA LEU A 190 -13.62 13.79 -8.96
C LEU A 190 -14.06 15.18 -8.58
N SER A 191 -13.40 16.20 -9.13
CA SER A 191 -13.54 17.58 -8.68
C SER A 191 -13.48 18.51 -9.90
N PRO A 192 -14.49 18.48 -10.75
CA PRO A 192 -14.35 19.13 -12.07
C PRO A 192 -14.47 20.63 -11.95
N GLY A 193 -13.61 21.32 -12.70
CA GLY A 193 -13.61 22.77 -12.75
C GLY A 193 -12.90 23.49 -11.61
N THR A 194 -12.49 22.79 -10.55
CA THR A 194 -11.93 23.45 -9.39
C THR A 194 -10.45 23.75 -9.59
N ARG A 195 -9.94 24.68 -8.78
CA ARG A 195 -8.51 25.01 -8.81
C ARG A 195 -7.68 23.87 -8.24
N LYS A 196 -6.65 23.47 -8.97
CA LYS A 196 -5.75 22.42 -8.53
C LYS A 196 -4.32 22.92 -8.55
N ILE A 197 -3.45 22.28 -7.76
CA ILE A 197 -2.04 22.65 -7.76
C ILE A 197 -1.20 21.41 -7.57
N GLU A 198 -0.15 21.27 -8.39
CA GLU A 198 0.80 20.20 -8.27
C GLU A 198 2.10 20.74 -7.69
N LEU A 199 2.72 19.97 -6.82
CA LEU A 199 4.02 20.29 -6.26
C LEU A 199 5.04 19.31 -6.81
N PHE A 200 6.22 19.83 -7.12
CA PHE A 200 7.29 19.04 -7.73
C PHE A 200 6.84 18.47 -9.07
N GLY A 201 6.11 19.26 -9.81
CA GLY A 201 5.82 18.89 -11.18
C GLY A 201 7.02 19.09 -12.07
N ARG A 202 7.02 18.35 -13.16
CA ARG A 202 7.99 18.47 -14.23
C ARG A 202 7.27 19.04 -15.46
N PRO A 203 8.01 19.54 -16.46
CA PRO A 203 7.36 20.30 -17.55
C PRO A 203 6.14 19.64 -18.18
N HIS A 204 6.23 18.35 -18.55
CA HIS A 204 5.12 17.65 -19.17
C HIS A 204 3.86 17.64 -18.30
N ASN A 205 3.98 17.95 -17.00
CA ASN A 205 2.87 17.86 -16.05
C ASN A 205 1.94 19.07 -16.09
N VAL A 206 2.24 20.11 -16.87
CA VAL A 206 1.36 21.27 -16.91
C VAL A 206 0.04 20.84 -17.53
N GLN A 207 -1.06 21.32 -16.94
CA GLN A 207 -2.40 20.88 -17.30
C GLN A 207 -3.34 22.07 -17.14
N PRO A 208 -4.42 22.12 -17.91
CA PRO A 208 -5.49 23.08 -17.61
C PRO A 208 -6.03 22.84 -16.21
N ASN A 209 -6.53 23.92 -15.61
CA ASN A 209 -7.00 23.99 -14.22
C ASN A 209 -5.88 23.90 -13.18
N TRP A 210 -4.65 23.53 -13.58
CA TRP A 210 -3.57 23.28 -12.64
C TRP A 210 -2.51 24.38 -12.68
N ILE A 211 -1.97 24.70 -11.51
CA ILE A 211 -0.76 25.50 -11.36
C ILE A 211 0.35 24.55 -10.95
N THR A 212 1.33 24.34 -11.81
CA THR A 212 2.43 23.42 -11.53
C THR A 212 3.59 24.17 -10.88
N LEU A 213 4.09 23.64 -9.77
CA LEU A 213 5.31 24.15 -9.14
C LEU A 213 6.41 23.11 -9.27
N GLY A 214 7.58 23.55 -9.68
CA GLY A 214 8.70 22.66 -9.92
C GLY A 214 9.92 23.49 -10.29
N ASN A 215 11.10 22.99 -9.96
CA ASN A 215 12.34 23.74 -10.21
C ASN A 215 12.92 23.50 -11.60
N GLN A 216 12.27 22.67 -12.43
CA GLN A 216 12.71 22.40 -13.79
C GLN A 216 11.74 22.94 -14.84
N LEU A 217 10.89 23.88 -14.47
CA LEU A 217 9.94 24.50 -15.38
C LEU A 217 10.54 25.79 -15.96
N ASP A 218 9.92 26.26 -17.04
CA ASP A 218 10.40 27.43 -17.76
C ASP A 218 9.74 28.68 -17.17
N GLY A 219 10.49 29.41 -16.36
CA GLY A 219 10.10 30.73 -15.88
C GLY A 219 8.86 30.73 -15.00
N ILE A 220 8.06 31.78 -15.14
CA ILE A 220 6.84 31.96 -14.37
C ILE A 220 5.72 32.33 -15.34
N HIS A 221 4.68 31.50 -15.41
CA HIS A 221 3.56 31.71 -16.32
C HIS A 221 2.25 31.78 -15.53
N LEU A 222 1.79 32.99 -15.21
CA LEU A 222 0.59 33.13 -14.42
C LEU A 222 -0.43 34.00 -15.15
N LEU A 223 -1.70 33.64 -14.98
CA LEU A 223 -2.80 34.15 -15.79
C LEU A 223 -4.03 34.49 -14.97
N ASP A 224 -4.25 33.82 -13.85
CA ASP A 224 -5.32 34.16 -12.93
C ASP A 224 -5.03 35.51 -12.32
N PRO A 225 -5.93 36.50 -12.44
CA PRO A 225 -5.61 37.86 -11.96
C PRO A 225 -5.30 37.94 -10.47
N ASP A 226 -6.11 37.33 -9.59
CA ASP A 226 -5.81 37.39 -8.16
C ASP A 226 -4.41 36.86 -7.85
N VAL A 227 -3.94 35.87 -8.61
CA VAL A 227 -2.60 35.33 -8.38
C VAL A 227 -1.53 36.32 -8.86
N VAL A 228 -1.70 36.88 -10.06
CA VAL A 228 -0.72 37.85 -10.55
C VAL A 228 -0.64 39.05 -9.62
N ALA A 229 -1.77 39.47 -9.06
CA ALA A 229 -1.78 40.54 -8.08
C ALA A 229 -0.94 40.18 -6.85
N ARG A 230 -1.26 39.07 -6.18
CA ARG A 230 -0.56 38.77 -4.95
C ARG A 230 0.89 38.39 -5.18
N PHE A 231 1.22 37.92 -6.39
CA PHE A 231 2.61 37.64 -6.74
C PHE A 231 3.42 38.92 -6.87
N LYS A 232 2.87 39.92 -7.59
CA LYS A 232 3.56 41.20 -7.75
C LYS A 232 3.66 41.94 -6.42
N GLN A 233 2.64 41.83 -5.57
CA GLN A 233 2.75 42.39 -4.22
C GLN A 233 3.88 41.74 -3.44
N ARG A 234 3.94 40.41 -3.46
CA ARG A 234 4.92 39.69 -2.64
C ARG A 234 6.29 39.62 -3.30
N TYR A 235 6.35 39.60 -4.63
CA TYR A 235 7.62 39.52 -5.37
C TYR A 235 7.68 40.67 -6.37
N PRO A 236 7.94 41.89 -5.89
CA PRO A 236 7.94 43.04 -6.82
C PRO A 236 9.02 42.97 -7.89
N ASP A 237 10.18 42.41 -7.56
CA ASP A 237 11.29 42.34 -8.51
C ASP A 237 11.50 40.92 -9.04
N GLY A 238 10.51 40.05 -8.90
CA GLY A 238 10.50 38.74 -9.55
C GLY A 238 11.62 37.76 -9.19
N ILE A 239 12.03 37.72 -7.92
CA ILE A 239 13.07 36.81 -7.47
C ILE A 239 12.62 36.16 -6.16
N ILE A 240 12.65 34.83 -6.12
CA ILE A 240 12.17 34.09 -4.95
C ILE A 240 13.30 33.74 -4.00
N TYR B 14 -7.62 3.45 -19.29
CA TYR B 14 -8.53 2.42 -18.81
C TYR B 14 -9.44 2.92 -17.66
N CYS B 15 -9.16 4.16 -17.20
CA CYS B 15 -9.91 4.74 -16.10
C CYS B 15 -11.22 5.36 -16.58
N GLN B 16 -11.17 6.09 -17.70
CA GLN B 16 -12.42 6.55 -18.31
C GLN B 16 -13.22 5.37 -18.83
N HIS B 17 -12.55 4.31 -19.28
CA HIS B 17 -13.24 3.09 -19.71
C HIS B 17 -14.03 2.49 -18.54
N PHE B 18 -13.40 2.39 -17.36
CA PHE B 18 -14.13 1.84 -16.20
C PHE B 18 -15.30 2.74 -15.82
N VAL B 19 -15.11 4.06 -15.90
CA VAL B 19 -16.16 5.02 -15.58
C VAL B 19 -17.24 4.99 -16.67
N THR B 21 -17.99 1.55 -18.47
CA THR B 21 -18.22 0.16 -18.89
C THR B 21 -18.34 -0.77 -17.69
N GLY B 22 -17.79 -0.37 -16.54
CA GLY B 22 -17.80 -1.17 -15.35
C GLY B 22 -16.64 -2.14 -15.20
N HIS B 23 -15.80 -2.29 -16.22
CA HIS B 23 -14.62 -3.14 -16.14
C HIS B 23 -13.52 -2.39 -15.40
N ARG B 24 -13.23 -2.82 -14.18
CA ARG B 24 -12.05 -2.34 -13.49
C ARG B 24 -10.84 -2.39 -14.42
N PRO B 25 -10.01 -1.34 -14.45
CA PRO B 25 -8.81 -1.35 -15.28
C PRO B 25 -7.98 -2.63 -15.19
N GLN B 26 -7.98 -3.29 -14.04
CA GLN B 26 -7.17 -4.51 -13.91
C GLN B 26 -7.73 -5.69 -14.68
N ASN B 27 -8.99 -5.61 -15.15
CA ASN B 27 -9.54 -6.68 -15.97
C ASN B 27 -8.68 -6.92 -17.21
N PHE B 28 -8.02 -5.89 -17.73
CA PHE B 28 -7.30 -5.97 -18.99
C PHE B 28 -5.82 -6.29 -18.85
N ILE B 29 -5.37 -6.63 -17.65
CA ILE B 29 -3.98 -7.06 -17.50
C ILE B 29 -3.83 -8.46 -18.07
N ARG B 30 -2.86 -8.64 -18.96
CA ARG B 30 -2.60 -9.95 -19.55
C ARG B 30 -1.67 -10.76 -18.64
N ASP B 31 -2.04 -12.01 -18.37
CA ASP B 31 -1.38 -12.82 -17.35
C ASP B 31 0.14 -12.83 -17.50
N GLU B 46 10.93 -22.79 -16.63
CA GLU B 46 12.28 -22.25 -16.47
C GLU B 46 12.63 -22.28 -14.99
N LEU B 47 13.06 -23.46 -14.51
CA LEU B 47 13.33 -23.72 -13.10
C LEU B 47 12.15 -23.19 -12.28
N ILE B 48 12.42 -22.71 -11.06
CA ILE B 48 11.41 -22.26 -10.10
C ILE B 48 10.51 -23.42 -9.70
N ARG B 49 10.66 -24.56 -10.38
CA ARG B 49 9.91 -25.77 -10.09
C ARG B 49 10.66 -26.69 -9.16
N LEU B 50 12.00 -26.70 -9.23
CA LEU B 50 12.79 -27.41 -8.24
C LEU B 50 12.56 -26.84 -6.85
N LYS B 51 12.58 -25.50 -6.73
CA LYS B 51 12.34 -24.86 -5.45
C LYS B 51 11.01 -25.31 -4.85
N ASP B 52 9.95 -25.37 -5.67
CA ASP B 52 8.66 -25.87 -5.19
C ASP B 52 8.76 -27.31 -4.71
N GLU B 53 9.58 -28.13 -5.40
CA GLU B 53 9.75 -29.52 -4.98
C GLU B 53 10.51 -29.60 -3.67
N LEU B 54 11.53 -28.77 -3.49
CA LEU B 54 12.27 -28.75 -2.24
C LEU B 54 11.42 -28.22 -1.10
N ILE B 55 10.60 -27.19 -1.36
CA ILE B 55 9.69 -26.71 -0.32
C ILE B 55 8.77 -27.83 0.13
N ALA B 56 8.23 -28.58 -0.83
CA ALA B 56 7.31 -29.66 -0.49
C ALA B 56 8.01 -30.81 0.22
N LYS B 57 9.26 -31.10 -0.13
CA LYS B 57 9.96 -32.17 0.59
C LYS B 57 10.23 -31.76 2.03
N SER B 58 10.52 -30.48 2.23
CA SER B 58 10.86 -29.92 3.54
C SER B 58 9.64 -29.75 4.45
N ASN B 59 8.46 -29.49 3.88
CA ASN B 59 7.27 -29.13 4.65
C ASN B 59 6.92 -30.13 5.75
N THR B 60 6.81 -29.62 6.96
CA THR B 60 6.28 -30.37 8.09
C THR B 60 4.84 -30.74 7.82
N PRO B 61 4.35 -31.82 8.42
CA PRO B 61 2.93 -32.18 8.25
C PRO B 61 2.05 -31.06 8.75
N PRO B 62 0.93 -30.78 8.10
CA PRO B 62 0.08 -29.69 8.58
C PRO B 62 -0.31 -29.94 10.02
N MET B 63 -0.35 -28.87 10.81
CA MET B 63 -0.81 -28.97 12.18
C MET B 63 -1.80 -27.83 12.40
N TYR B 64 -2.74 -28.05 13.29
CA TYR B 64 -3.82 -27.09 13.37
C TYR B 64 -4.43 -27.22 14.75
N LEU B 65 -5.08 -26.14 15.19
CA LEU B 65 -5.55 -26.02 16.56
C LEU B 65 -6.71 -25.03 16.57
N GLN B 66 -7.89 -25.47 17.01
CA GLN B 66 -8.97 -24.52 17.20
C GLN B 66 -8.72 -23.78 18.50
N ALA B 67 -8.86 -22.45 18.48
CA ALA B 67 -8.58 -21.61 19.64
C ALA B 67 -9.31 -20.30 19.48
N ASP B 68 -9.97 -19.87 20.54
CA ASP B 68 -10.58 -18.55 20.56
C ASP B 68 -9.47 -17.58 20.92
N ILE B 69 -8.96 -16.89 19.90
CA ILE B 69 -7.70 -16.18 20.02
C ILE B 69 -7.87 -14.93 20.87
N GLU B 70 -9.09 -14.37 20.92
CA GLU B 70 -9.35 -13.32 21.89
C GLU B 70 -9.02 -13.81 23.30
N ALA B 71 -9.38 -15.04 23.62
CA ALA B 71 -9.36 -15.57 24.98
C ALA B 71 -8.26 -16.59 25.21
N PHE B 72 -7.35 -16.75 24.26
CA PHE B 72 -6.37 -17.83 24.29
C PHE B 72 -5.00 -17.21 24.55
N ASP B 73 -4.27 -17.75 25.51
CA ASP B 73 -2.94 -17.23 25.76
C ASP B 73 -2.04 -17.67 24.61
N ILE B 74 -1.70 -16.71 23.75
CA ILE B 74 -0.83 -16.98 22.61
C ILE B 74 0.45 -17.70 23.05
N ARG B 75 0.91 -17.42 24.28
CA ARG B 75 2.24 -17.91 24.69
C ARG B 75 2.33 -19.44 24.70
N GLU B 76 1.18 -20.14 24.70
CA GLU B 76 1.19 -21.59 24.53
C GLU B 76 1.65 -22.03 23.16
N LEU B 77 1.73 -21.12 22.19
CA LEU B 77 2.17 -21.47 20.84
C LEU B 77 3.69 -21.38 20.81
N THR B 78 4.33 -22.53 20.76
CA THR B 78 5.78 -22.61 20.77
C THR B 78 6.19 -23.67 19.75
N PRO B 79 7.43 -23.59 19.23
CA PRO B 79 8.47 -22.59 19.55
C PRO B 79 8.18 -21.24 18.90
N LYS B 80 9.12 -20.31 19.03
CA LYS B 80 8.99 -19.03 18.37
C LYS B 80 8.97 -19.24 16.86
N PHE B 81 8.18 -18.43 16.15
CA PHE B 81 7.92 -18.67 14.75
C PHE B 81 8.85 -17.87 13.84
N ASP B 82 9.19 -18.47 12.70
CA ASP B 82 9.96 -17.79 11.66
C ASP B 82 9.09 -16.90 10.79
N VAL B 83 7.83 -17.29 10.59
CA VAL B 83 6.90 -16.56 9.74
C VAL B 83 5.55 -16.59 10.43
N ILE B 84 4.90 -15.43 10.50
CA ILE B 84 3.52 -15.36 10.97
C ILE B 84 2.69 -14.70 9.89
N LEU B 85 1.63 -15.39 9.49
CA LEU B 85 0.62 -14.89 8.56
C LEU B 85 -0.62 -14.64 9.40
N LEU B 86 -1.18 -13.45 9.27
CA LEU B 86 -2.13 -12.95 10.24
C LEU B 86 -3.28 -12.37 9.46
N GLU B 87 -4.45 -12.98 9.61
CA GLU B 87 -5.58 -12.79 8.69
C GLU B 87 -6.84 -12.57 9.51
N PRO B 88 -6.84 -11.55 10.37
CA PRO B 88 -7.92 -11.39 11.33
C PRO B 88 -9.21 -10.98 10.62
N PRO B 89 -10.36 -11.37 11.13
CA PRO B 89 -11.62 -11.05 10.44
C PRO B 89 -12.07 -9.61 10.61
N LEU B 90 -11.80 -8.77 9.63
CA LEU B 90 -12.21 -7.36 9.71
C LEU B 90 -13.67 -7.20 9.34
N GLU B 91 -14.31 -6.21 10.00
CA GLU B 91 -15.72 -5.93 9.74
C GLU B 91 -15.97 -5.67 8.26
N GLU B 92 -15.01 -5.04 7.58
CA GLU B 92 -15.23 -4.70 6.17
C GLU B 92 -15.39 -5.93 5.30
N TYR B 93 -14.73 -7.03 5.64
CA TYR B 93 -14.86 -8.25 4.85
C TYR B 93 -16.33 -8.68 4.73
N TYR B 94 -17.16 -8.35 5.72
CA TYR B 94 -18.58 -8.70 5.71
C TYR B 94 -19.42 -7.47 5.37
N ARG B 95 -19.38 -7.11 4.07
CA ARG B 95 -20.18 -6.00 3.59
C ARG B 95 -21.66 -6.37 3.59
N GLU B 96 -22.03 -7.38 2.80
CA GLU B 96 -23.39 -7.87 2.78
C GLU B 96 -23.75 -8.61 4.09
N LYS B 104 -18.03 -13.37 14.45
CA LYS B 104 -17.40 -12.41 15.35
C LYS B 104 -16.29 -11.57 14.66
N CYS B 105 -16.55 -10.31 14.34
CA CYS B 105 -15.56 -9.46 13.68
C CYS B 105 -14.56 -8.90 14.70
N TRP B 106 -13.28 -8.87 14.31
CA TRP B 106 -12.23 -8.21 15.08
C TRP B 106 -12.02 -6.76 14.62
N THR B 107 -11.91 -5.85 15.58
CA THR B 107 -11.53 -4.48 15.30
C THR B 107 -10.02 -4.32 15.35
N TRP B 108 -9.52 -3.22 14.82
CA TRP B 108 -8.09 -3.01 14.91
C TRP B 108 -7.66 -2.74 16.34
N ASP B 109 -8.59 -2.31 17.18
CA ASP B 109 -8.38 -2.29 18.63
C ASP B 109 -8.04 -3.69 19.14
N ASP B 110 -8.87 -4.69 18.80
CA ASP B 110 -8.61 -6.06 19.23
C ASP B 110 -7.28 -6.56 18.68
N ILE B 111 -7.04 -6.33 17.38
CA ILE B 111 -5.84 -6.87 16.74
C ILE B 111 -4.60 -6.33 17.43
N MET B 112 -4.60 -5.02 17.70
CA MET B 112 -3.42 -4.34 18.24
C MET B 112 -3.06 -4.84 19.64
N LYS B 113 -4.01 -5.41 20.39
CA LYS B 113 -3.72 -5.99 21.69
C LYS B 113 -3.13 -7.39 21.62
N LEU B 114 -3.07 -8.03 20.45
CA LEU B 114 -2.46 -9.35 20.36
C LEU B 114 -0.99 -9.25 20.70
N GLU B 115 -0.49 -10.22 21.45
CA GLU B 115 0.91 -10.18 21.88
C GLU B 115 1.79 -10.92 20.87
N ILE B 116 1.80 -10.41 19.66
CA ILE B 116 2.50 -11.11 18.59
C ILE B 116 3.98 -11.21 18.90
N ASP B 117 4.54 -10.17 19.52
CA ASP B 117 5.98 -10.14 19.77
C ASP B 117 6.43 -11.29 20.65
N GLU B 118 5.52 -11.79 21.51
CA GLU B 118 5.85 -12.88 22.43
C GLU B 118 6.07 -14.20 21.72
N ILE B 119 5.62 -14.34 20.48
CA ILE B 119 5.78 -15.60 19.78
C ILE B 119 6.63 -15.47 18.53
N ALA B 120 7.03 -14.27 18.14
CA ALA B 120 7.86 -14.12 16.95
C ALA B 120 9.33 -14.39 17.29
N ALA B 121 10.00 -15.15 16.43
CA ALA B 121 11.41 -15.39 16.65
C ALA B 121 12.19 -14.09 16.46
N PRO B 122 13.38 -13.99 17.07
CA PRO B 122 14.16 -12.73 16.96
C PRO B 122 14.39 -12.24 15.54
N ARG B 123 14.80 -13.10 14.63
CA ARG B 123 14.74 -12.81 13.20
C ARG B 123 13.52 -13.56 12.68
N SER B 124 12.53 -12.83 12.19
CA SER B 124 11.26 -13.44 11.77
C SER B 124 10.48 -12.42 10.96
N PHE B 125 9.43 -12.92 10.33
CA PHE B 125 8.69 -12.16 9.34
C PHE B 125 7.23 -12.29 9.66
N ILE B 126 6.47 -11.28 9.24
CA ILE B 126 5.03 -11.25 9.45
C ILE B 126 4.38 -10.81 8.14
N PHE B 127 3.19 -11.32 7.90
CA PHE B 127 2.40 -10.94 6.74
C PHE B 127 1.01 -10.70 7.27
N LEU B 128 0.55 -9.46 7.17
CA LEU B 128 -0.66 -9.05 7.84
C LEU B 128 -1.62 -8.51 6.80
N TRP B 129 -2.83 -9.07 6.75
CA TRP B 129 -3.84 -8.66 5.80
C TRP B 129 -4.52 -7.44 6.39
N CYS B 130 -4.52 -6.32 5.67
CA CYS B 130 -4.93 -5.05 6.25
C CYS B 130 -6.20 -4.49 5.64
N GLY B 131 -6.75 -5.15 4.62
CA GLY B 131 -7.98 -4.70 4.01
C GLY B 131 -7.66 -3.57 3.08
N SER B 132 -8.51 -2.55 3.04
CA SER B 132 -8.21 -1.37 2.24
C SER B 132 -8.69 -0.08 2.89
N GLY B 133 -9.11 -0.11 4.16
CA GLY B 133 -9.50 1.10 4.85
C GLY B 133 -8.49 1.58 5.87
N GLU B 134 -8.96 1.89 7.09
CA GLU B 134 -8.10 2.29 8.19
C GLU B 134 -7.01 1.27 8.50
N GLY B 135 -7.23 0.00 8.14
CA GLY B 135 -6.21 -1.02 8.33
C GLY B 135 -4.90 -0.73 7.63
N LEU B 136 -4.91 0.06 6.57
CA LEU B 136 -3.65 0.35 5.91
C LEU B 136 -2.79 1.27 6.76
N ASP B 137 -3.40 1.99 7.68
CA ASP B 137 -2.68 2.77 8.68
C ASP B 137 -2.56 2.01 9.99
N LEU B 138 -3.67 1.46 10.49
CA LEU B 138 -3.60 0.80 11.80
C LEU B 138 -2.72 -0.43 11.78
N GLY B 139 -2.69 -1.17 10.67
CA GLY B 139 -1.77 -2.29 10.56
C GLY B 139 -0.32 -1.89 10.54
N ARG B 140 0.01 -0.68 10.06
CA ARG B 140 1.39 -0.26 10.21
C ARG B 140 1.70 0.06 11.67
N VAL B 141 0.72 0.53 12.43
CA VAL B 141 0.93 0.73 13.86
C VAL B 141 1.19 -0.61 14.54
N CYS B 142 0.38 -1.62 14.20
CA CYS B 142 0.61 -2.99 14.69
C CYS B 142 2.01 -3.46 14.38
N LEU B 143 2.42 -3.32 13.12
CA LEU B 143 3.74 -3.82 12.76
C LEU B 143 4.79 -3.22 13.68
N ARG B 144 4.76 -1.89 13.86
CA ARG B 144 5.75 -1.23 14.68
C ARG B 144 5.56 -1.62 16.13
N LYS B 145 4.30 -1.69 16.57
CA LYS B 145 4.04 -2.07 17.96
C LYS B 145 4.68 -3.40 18.32
N TRP B 146 4.69 -4.36 17.37
CA TRP B 146 5.20 -5.71 17.62
C TRP B 146 6.65 -5.88 17.25
N GLY B 147 7.32 -4.82 16.80
CA GLY B 147 8.74 -4.91 16.55
C GLY B 147 9.19 -5.00 15.11
N TYR B 148 8.29 -4.95 14.13
CA TYR B 148 8.72 -5.12 12.76
C TYR B 148 8.87 -3.78 12.07
N ARG B 149 9.63 -3.79 10.99
CA ARG B 149 9.61 -2.74 9.98
C ARG B 149 9.02 -3.32 8.71
N ARG B 150 8.29 -2.51 7.96
CA ARG B 150 7.71 -2.99 6.72
C ARG B 150 8.78 -3.01 5.64
N CYS B 151 8.99 -4.15 4.97
CA CYS B 151 9.80 -4.10 3.76
C CYS B 151 8.99 -4.24 2.47
N GLU B 152 7.75 -4.71 2.53
CA GLU B 152 6.98 -4.91 1.31
C GLU B 152 5.50 -4.63 1.57
N ASP B 153 4.85 -4.08 0.55
CA ASP B 153 3.40 -3.90 0.50
C ASP B 153 2.90 -4.72 -0.68
N ILE B 154 2.16 -5.77 -0.42
CA ILE B 154 1.70 -6.71 -1.42
C ILE B 154 0.23 -6.47 -1.69
N CYS B 155 -0.12 -6.19 -2.95
CA CYS B 155 -1.48 -5.85 -3.32
C CYS B 155 -2.18 -7.03 -3.98
N TRP B 156 -3.33 -7.39 -3.43
CA TRP B 156 -4.30 -8.27 -4.09
C TRP B 156 -5.25 -7.39 -4.87
N ILE B 157 -5.05 -7.34 -6.18
CA ILE B 157 -5.89 -6.60 -7.12
C ILE B 157 -7.00 -7.50 -7.64
N LYS B 158 -8.26 -7.11 -7.44
CA LYS B 158 -9.40 -7.97 -7.72
C LYS B 158 -10.11 -7.54 -9.01
N THR B 159 -10.13 -8.42 -10.00
CA THR B 159 -10.85 -8.17 -11.26
C THR B 159 -12.34 -8.46 -11.10
N ASN B 160 -13.15 -7.79 -11.91
CA ASN B 160 -14.58 -8.11 -12.00
C ASN B 160 -14.96 -8.49 -13.43
N LYS B 161 -14.13 -9.31 -14.07
CA LYS B 161 -14.40 -9.73 -15.44
C LYS B 161 -15.74 -10.43 -15.56
N ASN B 162 -16.17 -11.13 -14.51
CA ASN B 162 -17.44 -11.84 -14.47
C ASN B 162 -18.58 -10.99 -13.89
N ASN B 163 -18.34 -9.73 -13.59
CA ASN B 163 -19.43 -8.91 -13.06
C ASN B 163 -19.19 -7.43 -13.28
N PRO B 164 -19.11 -6.96 -14.54
CA PRO B 164 -19.07 -5.51 -14.74
C PRO B 164 -20.29 -4.83 -14.13
N LEU B 170 -19.88 1.78 -1.05
CA LEU B 170 -18.63 2.45 -0.71
C LEU B 170 -18.53 2.76 0.78
N ASP B 171 -17.32 2.66 1.33
CA ASP B 171 -17.05 3.19 2.66
C ASP B 171 -17.39 4.68 2.65
N PRO B 172 -18.06 5.19 3.69
CA PRO B 172 -18.33 6.64 3.78
C PRO B 172 -17.12 7.48 3.42
N LYS B 173 -15.99 7.19 4.08
CA LYS B 173 -14.77 7.97 3.89
C LYS B 173 -14.15 7.78 2.52
N ALA B 174 -14.57 6.76 1.76
CA ALA B 174 -13.91 6.45 0.51
C ALA B 174 -14.13 7.55 -0.52
N VAL B 175 -13.08 7.84 -1.26
CA VAL B 175 -13.18 8.73 -2.41
C VAL B 175 -13.39 7.91 -3.68
N PHE B 176 -12.74 6.75 -3.76
CA PHE B 176 -12.74 5.94 -4.95
C PHE B 176 -13.32 4.56 -4.65
N GLN B 177 -13.65 3.85 -5.72
CA GLN B 177 -14.11 2.48 -5.57
C GLN B 177 -12.91 1.62 -5.20
N ARG B 178 -13.06 0.86 -4.11
CA ARG B 178 -11.98 0.01 -3.60
C ARG B 178 -12.05 -1.40 -4.19
N THR B 179 -11.03 -1.73 -4.98
CA THR B 179 -10.97 -2.97 -5.74
C THR B 179 -9.73 -3.80 -5.42
N LYS B 180 -9.14 -3.60 -4.24
CA LYS B 180 -7.91 -4.29 -3.86
C LYS B 180 -7.83 -4.42 -2.35
N GLU B 181 -6.99 -5.35 -1.91
CA GLU B 181 -6.62 -5.47 -0.51
C GLU B 181 -5.10 -5.43 -0.40
N HIS B 182 -4.59 -5.09 0.78
CA HIS B 182 -3.16 -5.04 1.00
C HIS B 182 -2.77 -6.09 2.04
N CYS B 183 -1.66 -6.77 1.80
CA CYS B 183 -1.02 -7.63 2.80
C CYS B 183 0.37 -7.06 3.11
N LEU B 184 0.55 -6.53 4.30
CA LEU B 184 1.79 -5.85 4.67
C LEU B 184 2.80 -6.88 5.16
N MET B 185 4.02 -6.80 4.66
CA MET B 185 5.09 -7.69 5.07
C MET B 185 6.07 -6.98 6.01
N GLY B 186 6.38 -7.62 7.13
CA GLY B 186 7.29 -7.06 8.13
C GLY B 186 8.48 -7.95 8.41
N ILE B 187 9.62 -7.31 8.68
CA ILE B 187 10.83 -7.97 9.13
C ILE B 187 11.19 -7.47 10.52
N LYS B 188 11.80 -8.34 11.32
CA LYS B 188 12.46 -7.92 12.55
C LYS B 188 13.80 -8.63 12.65
N GLY B 189 14.82 -7.91 13.07
CA GLY B 189 16.14 -8.49 13.13
C GLY B 189 16.91 -8.36 11.84
N THR B 190 18.06 -9.02 11.81
CA THR B 190 18.95 -9.01 10.65
C THR B 190 18.25 -9.39 9.36
N VAL B 204 12.09 -13.52 -7.52
CA VAL B 204 11.19 -14.44 -8.24
C VAL B 204 9.77 -13.89 -8.36
N ASP B 205 9.23 -13.32 -7.28
CA ASP B 205 7.84 -12.91 -7.23
C ASP B 205 7.69 -11.39 -7.24
N ILE B 206 6.49 -10.97 -7.62
CA ILE B 206 6.11 -9.57 -7.68
C ILE B 206 5.34 -9.24 -6.41
N ASP B 207 5.06 -7.95 -6.19
CA ASP B 207 4.24 -7.55 -5.06
C ASP B 207 2.77 -7.35 -5.44
N LEU B 208 2.30 -8.10 -6.44
CA LEU B 208 0.94 -8.02 -6.93
C LEU B 208 0.34 -9.41 -7.02
N ILE B 209 -0.94 -9.53 -6.70
CA ILE B 209 -1.71 -10.74 -6.88
C ILE B 209 -3.02 -10.35 -7.57
N ILE B 210 -3.27 -10.88 -8.76
CA ILE B 210 -4.46 -10.55 -9.53
C ILE B 210 -5.33 -11.79 -9.61
N THR B 211 -6.53 -11.70 -9.05
CA THR B 211 -7.53 -12.73 -9.20
C THR B 211 -8.88 -12.05 -9.26
N GLU B 212 -9.91 -12.84 -9.51
CA GLU B 212 -11.27 -12.32 -9.61
C GLU B 212 -11.87 -12.17 -8.21
N GLU B 213 -12.56 -11.06 -8.00
CA GLU B 213 -13.24 -10.81 -6.73
C GLU B 213 -14.05 -12.05 -6.31
N PRO B 214 -13.81 -12.59 -5.13
CA PRO B 214 -14.64 -13.71 -4.65
C PRO B 214 -16.09 -13.27 -4.45
N GLU B 215 -16.98 -14.26 -4.50
CA GLU B 215 -18.41 -14.01 -4.33
C GLU B 215 -18.69 -13.33 -3.01
N ILE B 216 -19.79 -12.58 -2.96
CA ILE B 216 -20.11 -11.85 -1.74
C ILE B 216 -20.06 -12.80 -0.55
N GLY B 217 -19.44 -12.33 0.53
CA GLY B 217 -19.30 -13.14 1.74
C GLY B 217 -18.21 -14.19 1.71
N ASN B 218 -17.58 -14.44 0.57
CA ASN B 218 -16.40 -15.28 0.57
C ASN B 218 -15.25 -14.44 1.07
N ILE B 219 -14.64 -14.88 2.16
CA ILE B 219 -13.57 -14.12 2.79
C ILE B 219 -12.19 -14.65 2.46
N GLU B 220 -12.07 -15.75 1.73
CA GLU B 220 -10.77 -16.34 1.52
C GLU B 220 -9.79 -15.33 0.93
N LYS B 221 -8.50 -15.47 1.30
CA LYS B 221 -7.50 -14.72 0.56
C LYS B 221 -6.89 -15.63 -0.48
N PRO B 222 -6.36 -15.07 -1.56
CA PRO B 222 -5.71 -15.89 -2.59
C PRO B 222 -4.62 -16.76 -2.00
N VAL B 223 -4.68 -18.05 -2.34
CA VAL B 223 -3.67 -19.01 -1.93
C VAL B 223 -2.29 -18.61 -2.43
N GLU B 224 -2.22 -17.69 -3.40
CA GLU B 224 -0.93 -17.22 -3.89
C GLU B 224 -0.12 -16.50 -2.82
N ILE B 225 -0.75 -16.03 -1.74
CA ILE B 225 0.04 -15.44 -0.67
C ILE B 225 0.97 -16.50 -0.09
N PHE B 226 0.48 -17.74 0.03
CA PHE B 226 1.31 -18.82 0.58
C PHE B 226 2.48 -19.12 -0.34
N HIS B 227 2.28 -19.01 -1.65
CA HIS B 227 3.37 -19.31 -2.57
C HIS B 227 4.46 -18.26 -2.46
N ILE B 228 4.06 -16.98 -2.44
CA ILE B 228 4.99 -15.89 -2.25
C ILE B 228 5.80 -16.10 -0.98
N ILE B 229 5.11 -16.30 0.15
CA ILE B 229 5.79 -16.56 1.42
C ILE B 229 6.76 -17.73 1.28
N GLU B 230 6.27 -18.87 0.80
CA GLU B 230 7.12 -20.05 0.76
C GLU B 230 8.32 -19.86 -0.16
N HIS B 231 8.20 -19.03 -1.20
CA HIS B 231 9.35 -18.81 -2.07
C HIS B 231 10.42 -17.92 -1.47
N PHE B 232 10.13 -17.21 -0.38
CA PHE B 232 11.15 -16.41 0.29
C PHE B 232 12.16 -17.29 1.05
N CYS B 233 11.75 -18.49 1.47
CA CYS B 233 12.63 -19.41 2.22
C CYS B 233 13.06 -18.78 3.55
N LEU B 234 12.08 -18.48 4.40
CA LEU B 234 12.29 -17.72 5.63
C LEU B 234 12.38 -18.59 6.87
N GLY B 235 12.17 -19.89 6.75
CA GLY B 235 12.13 -20.71 7.94
C GLY B 235 10.99 -21.68 7.85
N ARG B 236 11.02 -22.72 8.67
CA ARG B 236 9.99 -23.72 8.60
C ARG B 236 8.96 -23.57 9.71
N ARG B 237 9.19 -22.69 10.67
CA ARG B 237 8.23 -22.49 11.75
C ARG B 237 7.25 -21.42 11.30
N ARG B 238 6.16 -21.86 10.65
CA ARG B 238 5.21 -20.97 10.02
C ARG B 238 3.86 -21.08 10.70
N LEU B 239 3.28 -19.92 11.06
CA LEU B 239 2.04 -19.83 11.82
C LEU B 239 1.02 -19.00 11.05
N HIS B 240 -0.18 -19.53 10.88
CA HIS B 240 -1.30 -18.81 10.28
C HIS B 240 -2.40 -18.64 11.33
N LEU B 241 -2.60 -17.41 11.76
CA LEU B 241 -3.56 -17.09 12.80
C LEU B 241 -4.85 -16.64 12.15
N PHE B 242 -5.97 -17.18 12.63
CA PHE B 242 -7.30 -17.00 12.02
C PHE B 242 -7.39 -17.71 10.67
N GLY B 243 -6.61 -18.77 10.47
CA GLY B 243 -6.87 -19.69 9.39
C GLY B 243 -8.17 -20.45 9.65
N ARG B 244 -8.56 -21.24 8.66
CA ARG B 244 -9.77 -22.05 8.73
C ARG B 244 -9.41 -23.46 8.28
N ASP B 245 -10.35 -24.40 8.50
CA ASP B 245 -10.28 -25.73 7.91
C ASP B 245 -9.80 -25.64 6.46
N SER B 246 -10.36 -24.67 5.72
CA SER B 246 -10.09 -24.54 4.30
C SER B 246 -8.69 -24.00 3.98
N THR B 247 -7.92 -23.53 4.96
CA THR B 247 -6.60 -22.98 4.65
C THR B 247 -5.49 -23.89 5.12
N ILE B 248 -5.81 -24.97 5.84
CA ILE B 248 -4.77 -25.83 6.40
C ILE B 248 -3.88 -26.37 5.28
N ARG B 249 -2.63 -26.57 5.59
CA ARG B 249 -1.66 -26.60 4.52
C ARG B 249 -0.35 -27.23 4.99
N PRO B 250 0.24 -28.13 4.23
CA PRO B 250 1.54 -28.69 4.67
C PRO B 250 2.52 -27.56 4.93
N GLY B 251 3.45 -27.79 5.84
CA GLY B 251 4.40 -26.75 6.22
C GLY B 251 3.87 -25.62 7.10
N TRP B 252 2.69 -25.74 7.68
CA TRP B 252 2.09 -24.65 8.40
C TRP B 252 1.41 -25.16 9.65
N LEU B 253 1.41 -24.32 10.68
CA LEU B 253 0.53 -24.48 11.83
C LEU B 253 -0.58 -23.45 11.72
N THR B 254 -1.82 -23.90 11.83
CA THR B 254 -2.97 -23.05 11.66
C THR B 254 -3.71 -22.97 13.00
N VAL B 255 -3.93 -21.75 13.49
CA VAL B 255 -4.71 -21.49 14.70
C VAL B 255 -5.85 -20.52 14.40
N GLY B 256 -7.05 -20.89 14.81
CA GLY B 256 -8.21 -20.06 14.55
C GLY B 256 -9.42 -20.59 15.25
N PRO B 257 -10.44 -19.74 15.43
CA PRO B 257 -11.60 -20.18 16.22
C PRO B 257 -12.56 -21.09 15.50
N THR B 258 -12.53 -21.17 14.17
CA THR B 258 -13.53 -21.91 13.42
C THR B 258 -13.05 -23.28 12.94
N LEU B 259 -11.76 -23.60 13.07
CA LEU B 259 -11.32 -25.00 12.88
C LEU B 259 -12.24 -25.96 13.62
N THR B 260 -12.56 -27.06 12.95
CA THR B 260 -13.43 -28.07 13.55
C THR B 260 -12.66 -29.21 14.20
N ASN B 261 -11.36 -29.31 13.94
CA ASN B 261 -10.54 -30.35 14.52
C ASN B 261 -9.20 -29.78 14.89
N SER B 262 -8.57 -30.41 15.84
CA SER B 262 -7.24 -30.01 16.24
C SER B 262 -6.38 -31.25 16.23
N ASN B 263 -5.10 -31.05 15.98
CA ASN B 263 -4.10 -32.09 16.16
C ASN B 263 -2.83 -31.49 16.76
N TYR B 264 -2.91 -30.27 17.29
CA TYR B 264 -1.72 -29.61 17.82
C TYR B 264 -1.14 -30.34 19.02
N ASN B 265 0.18 -30.44 19.05
CA ASN B 265 0.89 -30.82 20.26
C ASN B 265 2.24 -30.13 20.21
N ALA B 266 2.47 -29.22 21.18
CA ALA B 266 3.69 -28.42 21.21
C ALA B 266 4.93 -29.29 21.14
N GLU B 267 4.93 -30.39 21.90
CA GLU B 267 6.10 -31.26 21.86
C GLU B 267 6.24 -31.88 20.47
N THR B 268 5.17 -32.47 19.95
CA THR B 268 5.25 -33.04 18.59
C THR B 268 5.66 -32.00 17.57
N TYR B 269 5.12 -30.79 17.67
CA TYR B 269 5.49 -29.71 16.77
C TYR B 269 6.99 -29.37 16.87
N ALA B 270 7.47 -29.11 18.08
CA ALA B 270 8.89 -28.76 18.21
C ALA B 270 9.79 -29.85 17.66
N SER B 271 9.39 -31.11 17.81
CA SER B 271 10.20 -32.24 17.34
C SER B 271 10.55 -32.14 15.86
N TYR B 272 9.75 -31.43 15.05
CA TYR B 272 10.06 -31.26 13.64
C TYR B 272 11.25 -30.35 13.41
N PHE B 273 11.65 -29.59 14.42
CA PHE B 273 12.68 -28.57 14.26
C PHE B 273 13.87 -28.79 15.17
N SER B 274 13.86 -29.85 15.97
CA SER B 274 15.03 -30.19 16.75
C SER B 274 16.14 -30.63 15.80
N ALA B 275 17.39 -30.39 16.21
CA ALA B 275 18.58 -30.62 15.39
C ALA B 275 18.51 -32.03 14.80
N PRO B 276 19.00 -32.24 13.58
CA PRO B 276 19.72 -31.28 12.74
C PRO B 276 18.84 -30.49 11.75
N ASN B 277 17.68 -29.99 12.18
CA ASN B 277 16.78 -29.31 11.27
C ASN B 277 16.43 -27.90 11.70
N SER B 278 17.17 -27.34 12.66
CA SER B 278 16.73 -26.14 13.36
C SER B 278 16.72 -24.90 12.44
N TYR B 279 17.71 -24.77 11.57
CA TYR B 279 17.89 -23.56 10.78
C TYR B 279 17.47 -23.69 9.32
N LEU B 280 16.96 -24.86 8.90
CA LEU B 280 16.58 -25.06 7.51
C LEU B 280 15.70 -23.92 7.01
N THR B 281 15.94 -23.47 5.78
CA THR B 281 15.16 -22.38 5.22
C THR B 281 13.77 -22.81 4.78
N GLY B 282 13.51 -24.12 4.67
CA GLY B 282 12.37 -24.61 3.94
C GLY B 282 12.62 -24.83 2.45
N CYS B 283 13.82 -24.56 1.96
CA CYS B 283 14.10 -24.61 0.52
C CYS B 283 15.32 -25.46 0.17
N THR B 284 15.79 -26.29 1.09
CA THR B 284 16.99 -27.08 0.86
C THR B 284 16.65 -28.56 0.95
N GLU B 285 17.63 -29.41 0.64
CA GLU B 285 17.46 -30.85 0.81
C GLU B 285 17.43 -31.18 2.30
N GLU B 286 16.39 -31.89 2.74
CA GLU B 286 16.29 -32.28 4.15
C GLU B 286 17.55 -33.03 4.57
N ILE B 287 18.04 -32.71 5.77
CA ILE B 287 19.24 -33.36 6.28
C ILE B 287 19.00 -34.85 6.46
N GLU B 288 19.87 -35.67 5.88
CA GLU B 288 19.78 -37.12 6.00
C GLU B 288 20.41 -37.61 7.31
#